data_1MIM
#
_entry.id   1MIM
#
_cell.length_a   39.580
_cell.length_b   59.760
_cell.length_c   102.090
_cell.angle_alpha   90.00
_cell.angle_beta   99.98
_cell.angle_gamma   90.00
#
_symmetry.space_group_name_H-M   'P 1 21 1'
#
loop_
_entity.id
_entity.type
_entity.pdbx_description
1 polymer 'CHIMERIC SDZ CHI621'
2 polymer 'CHIMERIC SDZ CHI621'
3 water water
#
loop_
_entity_poly.entity_id
_entity_poly.type
_entity_poly.pdbx_seq_one_letter_code
_entity_poly.pdbx_strand_id
1 'polypeptide(L)'
;QIVSTQSPAIMSASPGEKVTMTCSASSSRSYMQWYQQKPGTSPKRWIYDTSKLASGVPARFSGSGSGTSYSLTISSMEAE
DAATYYCHQRSSYTFGGGTKLEIKRTVAAPSVFIFPPSDEQLKSGTASVVCLLNNFYPREAKVQWKVDNALQSGNSQESV
TEQDSKDSTYSLSSTLTLSKADYEKHKVYACEVTHQGLSSPVTKSFNRGE
;
L
2 'polypeptide(L)'
;QLQQSGTVLARPGASVKMSCKASGYSFTRYWMHWIKQRPGQGLEWIGAIYPGNSDTSYNQKFEGKAKLTAVTSASTAYME
LSSLTHEDSAVYYCSRDYGYYFDFWGQGTTLTVSSASTKGPSVFPLAPSSKSTSGGTAALGCLVKDYFPEPVTVSWNSGA
LTSGVHTFPAVLQSSGLYSLSSVVTVPSSSLGTQTYICNVNHKPSNTKVDKRVEP
;
H
#
# COMPACT_ATOMS: atom_id res chain seq x y z
N GLN A 1 10.67 -19.99 15.15
CA GLN A 1 11.62 -20.94 15.69
C GLN A 1 12.09 -21.82 14.53
N ILE A 2 11.16 -22.32 13.72
CA ILE A 2 11.48 -22.91 12.45
C ILE A 2 11.50 -21.61 11.64
N VAL A 3 12.55 -21.32 10.89
CA VAL A 3 12.64 -20.08 10.13
C VAL A 3 12.31 -20.45 8.69
N SER A 4 11.32 -19.80 8.07
CA SER A 4 11.04 -20.05 6.67
C SER A 4 11.64 -18.99 5.70
N THR A 5 12.41 -19.38 4.69
CA THR A 5 12.95 -18.42 3.72
C THR A 5 12.33 -18.56 2.34
N GLN A 6 11.76 -17.50 1.77
CA GLN A 6 11.13 -17.61 0.48
C GLN A 6 11.98 -17.00 -0.60
N SER A 7 12.04 -17.66 -1.74
CA SER A 7 12.70 -17.13 -2.89
C SER A 7 12.00 -17.54 -4.15
N PRO A 8 11.87 -16.63 -5.11
CA PRO A 8 12.33 -15.24 -5.04
C PRO A 8 11.43 -14.32 -4.21
N ALA A 9 11.87 -13.14 -3.81
CA ALA A 9 11.02 -12.19 -3.11
C ALA A 9 10.18 -11.37 -4.07
N ILE A 10 10.65 -11.04 -5.29
CA ILE A 10 9.82 -10.38 -6.33
C ILE A 10 10.04 -11.25 -7.57
N MET A 11 9.05 -11.38 -8.44
CA MET A 11 9.16 -12.26 -9.57
C MET A 11 8.20 -11.67 -10.56
N SER A 12 8.60 -11.36 -11.82
CA SER A 12 7.61 -10.94 -12.80
C SER A 12 7.38 -12.10 -13.74
N ALA A 13 6.19 -12.33 -14.28
CA ALA A 13 5.99 -13.45 -15.17
C ALA A 13 4.94 -13.14 -16.21
N SER A 14 5.15 -13.52 -17.46
CA SER A 14 4.13 -13.26 -18.46
C SER A 14 3.01 -14.27 -18.28
N PRO A 15 1.78 -13.94 -18.63
CA PRO A 15 0.65 -14.84 -18.61
C PRO A 15 0.93 -15.92 -19.64
N GLY A 16 0.74 -17.12 -19.11
CA GLY A 16 1.01 -18.33 -19.82
C GLY A 16 2.31 -18.90 -19.33
N GLU A 17 3.22 -18.14 -18.69
CA GLU A 17 4.44 -18.70 -18.16
C GLU A 17 4.12 -19.62 -16.99
N LYS A 18 5.14 -20.33 -16.50
CA LYS A 18 4.98 -21.29 -15.43
C LYS A 18 5.81 -20.71 -14.30
N VAL A 19 5.24 -20.42 -13.13
CA VAL A 19 6.09 -19.90 -12.06
C VAL A 19 6.19 -20.91 -10.95
N THR A 20 7.29 -20.77 -10.24
CA THR A 20 7.61 -21.64 -9.14
C THR A 20 8.26 -20.80 -8.07
N MET A 21 7.70 -20.88 -6.87
CA MET A 21 8.24 -20.20 -5.74
C MET A 21 8.42 -21.22 -4.62
N THR A 22 9.60 -21.05 -4.07
CA THR A 22 10.14 -21.81 -2.99
C THR A 22 9.80 -21.23 -1.64
N CYS A 23 9.78 -22.11 -0.66
CA CYS A 23 9.67 -21.78 0.74
C CYS A 23 10.43 -22.90 1.43
N SER A 24 11.55 -22.58 2.02
CA SER A 24 12.37 -23.63 2.57
C SER A 24 12.27 -23.56 4.07
N ALA A 25 12.02 -24.72 4.67
CA ALA A 25 11.93 -24.87 6.10
C ALA A 25 13.28 -25.18 6.69
N SER A 26 13.78 -24.35 7.61
CA SER A 26 15.06 -24.60 8.25
C SER A 26 15.15 -25.91 9.03
N SER A 27 14.04 -26.45 9.59
CA SER A 27 14.05 -27.71 10.32
C SER A 27 12.84 -28.43 9.80
N SER A 28 13.12 -29.60 9.31
CA SER A 28 12.16 -30.49 8.68
C SER A 28 10.76 -30.46 9.26
N ARG A 29 9.76 -30.00 8.52
CA ARG A 29 8.42 -29.89 9.05
C ARG A 29 7.41 -30.64 8.21
N SER A 30 6.45 -31.24 8.85
CA SER A 30 5.45 -32.07 8.22
C SER A 30 4.50 -31.48 7.19
N TYR A 31 3.89 -30.36 7.50
CA TYR A 31 2.92 -29.78 6.61
C TYR A 31 3.21 -28.32 6.46
N MET A 32 3.00 -27.87 5.21
CA MET A 32 3.18 -26.50 4.75
C MET A 32 1.84 -26.04 4.22
N GLN A 33 1.50 -24.79 4.45
CA GLN A 33 0.27 -24.14 4.00
C GLN A 33 0.73 -22.89 3.22
N TRP A 34 -0.12 -22.20 2.46
CA TRP A 34 0.27 -21.09 1.60
C TRP A 34 -0.89 -20.16 1.62
N TYR A 35 -0.64 -18.88 1.90
CA TYR A 35 -1.71 -17.91 1.84
C TYR A 35 -1.43 -16.93 0.70
N GLN A 36 -2.44 -16.28 0.16
CA GLN A 36 -2.27 -15.36 -0.96
C GLN A 36 -2.81 -14.03 -0.45
N GLN A 37 -2.23 -12.87 -0.77
CA GLN A 37 -2.82 -11.64 -0.33
C GLN A 37 -2.65 -10.72 -1.53
N LYS A 38 -3.72 -10.01 -1.90
CA LYS A 38 -3.70 -9.01 -2.96
C LYS A 38 -3.66 -7.69 -2.20
N PRO A 39 -3.28 -6.55 -2.78
CA PRO A 39 -3.25 -5.30 -2.04
C PRO A 39 -4.60 -4.94 -1.51
N GLY A 40 -4.54 -4.78 -0.19
CA GLY A 40 -5.63 -4.24 0.58
C GLY A 40 -6.67 -5.26 0.97
N THR A 41 -6.26 -6.51 1.12
CA THR A 41 -7.12 -7.53 1.67
C THR A 41 -6.24 -8.35 2.62
N SER A 42 -6.91 -9.08 3.49
CA SER A 42 -6.33 -10.01 4.44
C SER A 42 -5.71 -11.22 3.75
N PRO A 43 -4.79 -12.02 4.28
CA PRO A 43 -4.39 -13.26 3.61
C PRO A 43 -5.56 -14.24 3.37
N LYS A 44 -5.63 -15.02 2.28
CA LYS A 44 -6.64 -16.04 2.04
C LYS A 44 -5.95 -17.38 2.01
N ARG A 45 -6.69 -18.38 2.45
CA ARG A 45 -6.24 -19.75 2.51
C ARG A 45 -6.09 -20.12 1.04
N TRP A 46 -4.92 -20.64 0.73
CA TRP A 46 -4.71 -21.09 -0.61
C TRP A 46 -4.38 -22.57 -0.60
N ILE A 47 -3.16 -23.00 -0.27
CA ILE A 47 -2.82 -24.42 -0.25
C ILE A 47 -2.70 -24.80 1.23
N TYR A 48 -2.98 -26.06 1.60
CA TYR A 48 -2.83 -26.55 2.96
C TYR A 48 -2.39 -28.00 2.92
N ASP A 49 -1.81 -28.51 4.01
CA ASP A 49 -1.35 -29.88 4.09
C ASP A 49 -0.49 -30.26 2.88
N THR A 50 0.41 -29.35 2.58
CA THR A 50 1.37 -29.39 1.47
C THR A 50 0.80 -29.40 0.07
N SER A 51 -0.50 -29.62 -0.22
CA SER A 51 -0.95 -29.62 -1.61
C SER A 51 -2.44 -29.65 -1.84
N LYS A 52 -3.22 -29.59 -0.80
CA LYS A 52 -4.65 -29.63 -1.01
C LYS A 52 -4.92 -28.16 -1.25
N LEU A 53 -5.54 -27.87 -2.35
CA LEU A 53 -5.99 -26.52 -2.61
C LEU A 53 -7.33 -26.41 -1.91
N ALA A 54 -7.53 -25.24 -1.35
CA ALA A 54 -8.77 -24.88 -0.70
C ALA A 54 -9.88 -24.73 -1.71
N SER A 55 -11.04 -24.27 -1.27
CA SER A 55 -12.18 -24.14 -2.14
C SER A 55 -12.31 -22.77 -2.71
N GLY A 56 -11.86 -22.77 -3.97
CA GLY A 56 -11.87 -21.61 -4.86
C GLY A 56 -10.57 -21.58 -5.66
N VAL A 57 -9.49 -22.14 -5.08
CA VAL A 57 -8.16 -22.12 -5.68
C VAL A 57 -8.21 -22.91 -6.99
N PRO A 58 -8.05 -22.27 -8.14
CA PRO A 58 -8.11 -22.91 -9.43
C PRO A 58 -7.00 -23.92 -9.63
N ALA A 59 -7.40 -24.85 -10.48
CA ALA A 59 -6.64 -26.04 -10.84
C ALA A 59 -5.17 -25.91 -11.12
N ARG A 60 -4.80 -24.70 -11.53
CA ARG A 60 -3.42 -24.45 -11.88
C ARG A 60 -2.47 -24.36 -10.72
N PHE A 61 -2.93 -24.16 -9.47
CA PHE A 61 -1.95 -24.07 -8.40
C PHE A 61 -1.59 -25.45 -7.87
N SER A 62 -0.37 -25.62 -7.33
CA SER A 62 0.12 -26.90 -6.91
C SER A 62 1.25 -26.97 -5.91
N GLY A 63 0.84 -27.43 -4.74
CA GLY A 63 1.77 -27.59 -3.65
C GLY A 63 2.53 -28.88 -3.89
N SER A 64 3.73 -28.98 -3.30
CA SER A 64 4.61 -30.12 -3.43
C SER A 64 5.79 -29.95 -2.47
N GLY A 65 6.44 -31.00 -2.02
CA GLY A 65 7.62 -30.87 -1.20
C GLY A 65 7.58 -31.81 0.00
N SER A 66 8.71 -31.86 0.69
CA SER A 66 8.90 -32.78 1.80
C SER A 66 9.99 -32.20 2.70
N GLY A 67 9.74 -32.22 4.00
CA GLY A 67 10.76 -31.91 4.99
C GLY A 67 11.23 -30.48 5.02
N THR A 68 12.18 -30.14 4.17
CA THR A 68 12.77 -28.82 4.16
C THR A 68 12.38 -28.02 2.90
N SER A 69 11.83 -28.58 1.83
CA SER A 69 11.50 -27.75 0.68
C SER A 69 10.17 -28.07 0.09
N TYR A 70 9.42 -26.99 0.04
CA TYR A 70 8.07 -27.00 -0.49
C TYR A 70 8.11 -25.98 -1.59
N SER A 71 7.08 -25.97 -2.43
CA SER A 71 7.06 -25.16 -3.64
C SER A 71 5.62 -24.86 -4.00
N LEU A 72 5.37 -23.75 -4.68
CA LEU A 72 4.03 -23.51 -5.16
C LEU A 72 4.44 -23.21 -6.59
N THR A 73 3.77 -23.93 -7.46
CA THR A 73 3.94 -23.78 -8.87
C THR A 73 2.59 -23.39 -9.42
N ILE A 74 2.60 -22.54 -10.43
CA ILE A 74 1.39 -22.12 -11.15
C ILE A 74 1.78 -22.66 -12.50
N SER A 75 0.86 -23.29 -13.19
CA SER A 75 1.21 -23.92 -14.46
C SER A 75 1.20 -22.91 -15.59
N SER A 76 0.08 -22.23 -15.75
CA SER A 76 -0.17 -21.27 -16.81
C SER A 76 -0.38 -20.06 -15.93
N MET A 77 0.53 -19.09 -15.88
CA MET A 77 0.33 -17.91 -15.05
C MET A 77 -0.89 -17.19 -15.57
N GLU A 78 -1.83 -16.68 -14.80
CA GLU A 78 -2.92 -15.92 -15.37
C GLU A 78 -2.75 -14.50 -14.87
N ALA A 79 -3.41 -13.45 -15.38
CA ALA A 79 -3.23 -12.11 -14.84
C ALA A 79 -3.81 -12.02 -13.43
N GLU A 80 -4.94 -12.69 -13.15
CA GLU A 80 -5.55 -12.68 -11.81
C GLU A 80 -4.67 -13.26 -10.68
N ASP A 81 -3.58 -13.97 -10.98
CA ASP A 81 -2.77 -14.61 -9.97
C ASP A 81 -1.72 -13.67 -9.45
N ALA A 82 -1.67 -12.41 -9.87
CA ALA A 82 -0.58 -11.60 -9.33
C ALA A 82 -1.01 -11.13 -7.93
N ALA A 83 -0.14 -11.43 -6.99
CA ALA A 83 -0.33 -11.17 -5.57
C ALA A 83 0.92 -11.54 -4.84
N THR A 84 0.87 -11.50 -3.50
CA THR A 84 1.99 -11.88 -2.66
C THR A 84 1.46 -13.16 -2.10
N TYR A 85 2.40 -14.10 -2.06
CA TYR A 85 2.23 -15.49 -1.59
C TYR A 85 3.05 -15.79 -0.35
N TYR A 86 2.45 -16.13 0.79
CA TYR A 86 3.30 -16.35 1.95
C TYR A 86 3.24 -17.80 2.31
N CYS A 87 4.28 -18.54 2.69
CA CYS A 87 4.04 -19.90 3.14
C CYS A 87 3.97 -19.91 4.65
N HIS A 88 3.34 -20.92 5.26
CA HIS A 88 3.06 -20.94 6.69
C HIS A 88 3.28 -22.34 7.23
N GLN A 89 3.75 -22.46 8.47
CA GLN A 89 3.97 -23.76 9.09
C GLN A 89 3.38 -23.77 10.50
N ARG A 90 2.87 -24.88 11.00
CA ARG A 90 2.18 -24.88 12.29
C ARG A 90 2.87 -25.22 13.57
N SER A 91 4.08 -25.75 13.59
CA SER A 91 4.78 -25.91 14.84
C SER A 91 5.20 -24.54 15.41
N SER A 92 6.06 -23.67 14.88
CA SER A 92 6.35 -22.39 15.52
C SER A 92 5.37 -21.27 15.21
N TYR A 93 4.38 -21.60 14.40
CA TYR A 93 3.48 -20.69 13.75
C TYR A 93 4.12 -19.63 12.88
N THR A 94 5.38 -19.77 12.53
CA THR A 94 6.12 -18.87 11.68
C THR A 94 5.51 -18.67 10.30
N PHE A 95 5.83 -17.59 9.54
CA PHE A 95 5.43 -17.45 8.12
C PHE A 95 6.69 -17.08 7.37
N GLY A 96 6.78 -17.27 6.06
CA GLY A 96 7.96 -16.80 5.33
C GLY A 96 7.73 -15.36 4.87
N GLY A 97 8.73 -14.69 4.35
CA GLY A 97 8.65 -13.29 3.88
C GLY A 97 7.73 -12.90 2.70
N GLY A 98 7.17 -13.81 1.92
CA GLY A 98 6.42 -13.40 0.74
C GLY A 98 7.27 -13.50 -0.55
N THR A 99 6.55 -13.69 -1.64
CA THR A 99 7.05 -13.71 -2.99
C THR A 99 5.97 -12.89 -3.62
N LYS A 100 6.29 -11.68 -4.08
CA LYS A 100 5.31 -10.88 -4.81
C LYS A 100 5.39 -11.37 -6.24
N LEU A 101 4.34 -11.46 -6.99
CA LEU A 101 4.42 -11.90 -8.35
C LEU A 101 3.67 -10.84 -9.15
N GLU A 102 4.35 -10.21 -10.11
CA GLU A 102 3.77 -9.16 -10.93
C GLU A 102 3.64 -9.73 -12.35
N ILE A 103 2.84 -9.14 -13.23
CA ILE A 103 2.78 -9.66 -14.58
C ILE A 103 3.73 -8.82 -15.46
N LYS A 104 4.49 -9.53 -16.31
CA LYS A 104 5.42 -8.95 -17.27
C LYS A 104 4.54 -8.47 -18.40
N ARG A 105 4.82 -7.38 -19.10
CA ARG A 105 4.10 -6.94 -20.26
C ARG A 105 5.17 -6.20 -21.04
N THR A 106 4.84 -5.54 -22.15
CA THR A 106 5.85 -4.88 -22.95
C THR A 106 6.29 -3.53 -22.41
N VAL A 107 7.58 -3.18 -22.60
CA VAL A 107 8.17 -1.90 -22.24
C VAL A 107 7.24 -0.82 -22.73
N ALA A 108 6.95 0.21 -21.95
CA ALA A 108 6.03 1.24 -22.37
C ALA A 108 6.62 2.41 -21.66
N ALA A 109 6.89 3.45 -22.47
CA ALA A 109 7.66 4.57 -21.99
C ALA A 109 6.67 5.52 -21.35
N PRO A 110 7.08 6.19 -20.29
CA PRO A 110 6.24 7.09 -19.56
C PRO A 110 5.88 8.33 -20.32
N SER A 111 4.67 8.81 -20.14
CA SER A 111 4.41 10.14 -20.62
C SER A 111 4.84 10.96 -19.40
N VAL A 112 5.50 12.12 -19.45
CA VAL A 112 6.01 12.88 -18.35
C VAL A 112 5.12 14.12 -18.32
N PHE A 113 4.40 14.57 -17.27
CA PHE A 113 3.77 15.88 -17.26
C PHE A 113 4.52 16.62 -16.17
N ILE A 114 4.46 17.94 -16.00
CA ILE A 114 5.18 18.64 -14.95
C ILE A 114 4.17 19.70 -14.54
N PHE A 115 4.10 20.06 -13.26
CA PHE A 115 3.12 21.02 -12.84
C PHE A 115 3.78 22.06 -11.96
N PRO A 116 3.63 23.36 -12.16
CA PRO A 116 4.19 24.43 -11.36
C PRO A 116 3.35 24.63 -10.09
N PRO A 117 3.84 25.32 -9.04
CA PRO A 117 3.17 25.54 -7.77
C PRO A 117 1.91 26.32 -7.97
N SER A 118 0.84 26.08 -7.24
CA SER A 118 -0.37 26.84 -7.41
C SER A 118 -0.04 28.11 -6.67
N ASP A 119 -0.86 29.11 -6.89
CA ASP A 119 -0.61 30.36 -6.19
C ASP A 119 -0.93 30.30 -4.70
N GLU A 120 -1.93 29.47 -4.41
CA GLU A 120 -2.41 29.26 -3.09
C GLU A 120 -1.29 28.65 -2.29
N GLN A 121 -0.55 27.69 -2.83
CA GLN A 121 0.54 27.15 -2.03
C GLN A 121 1.54 28.24 -1.79
N LEU A 122 1.88 29.05 -2.77
CA LEU A 122 2.85 30.12 -2.63
C LEU A 122 2.54 31.15 -1.58
N LYS A 123 1.28 31.65 -1.47
CA LYS A 123 0.91 32.59 -0.39
C LYS A 123 1.24 31.99 0.97
N SER A 124 1.03 30.68 1.16
CA SER A 124 1.37 30.05 2.42
C SER A 124 2.84 29.73 2.55
N GLY A 125 3.66 30.42 1.75
CA GLY A 125 5.10 30.33 1.83
C GLY A 125 5.79 29.07 1.39
N THR A 126 5.22 27.96 0.85
CA THR A 126 6.02 26.82 0.41
C THR A 126 5.78 26.56 -1.05
N ALA A 127 6.60 25.82 -1.78
CA ALA A 127 6.31 25.61 -3.18
C ALA A 127 6.63 24.18 -3.50
N SER A 128 5.65 23.39 -3.93
CA SER A 128 5.86 22.03 -4.34
C SER A 128 5.74 21.87 -5.85
N VAL A 129 6.75 21.39 -6.58
CA VAL A 129 6.67 21.17 -8.01
C VAL A 129 6.47 19.69 -8.25
N VAL A 130 5.44 19.21 -8.95
CA VAL A 130 5.13 17.80 -9.11
C VAL A 130 5.53 17.39 -10.56
N CYS A 131 6.09 16.23 -10.83
CA CYS A 131 6.47 15.74 -12.15
C CYS A 131 5.72 14.40 -12.21
N LEU A 132 4.90 14.07 -13.21
CA LEU A 132 4.21 12.82 -13.22
C LEU A 132 4.65 11.92 -14.37
N LEU A 133 5.10 10.69 -14.13
CA LEU A 133 5.48 9.76 -15.18
C LEU A 133 4.26 8.85 -15.22
N ASN A 134 3.47 8.91 -16.27
CA ASN A 134 2.21 8.22 -16.40
C ASN A 134 2.32 6.96 -17.21
N ASN A 135 1.59 5.92 -16.78
CA ASN A 135 1.54 4.58 -17.36
C ASN A 135 2.73 3.94 -18.06
N PHE A 136 3.65 3.28 -17.33
CA PHE A 136 4.87 2.76 -17.92
C PHE A 136 5.22 1.38 -17.45
N TYR A 137 6.17 0.67 -18.08
CA TYR A 137 6.56 -0.64 -17.62
C TYR A 137 7.96 -0.79 -18.16
N PRO A 138 9.02 -1.29 -17.53
CA PRO A 138 9.10 -1.71 -16.12
C PRO A 138 8.99 -0.59 -15.12
N ARG A 139 8.95 -0.96 -13.86
CA ARG A 139 8.80 -0.02 -12.76
C ARG A 139 10.01 0.87 -12.57
N GLU A 140 11.17 0.45 -13.07
CA GLU A 140 12.39 1.17 -12.89
C GLU A 140 12.37 2.38 -13.72
N ALA A 141 12.38 3.54 -13.13
CA ALA A 141 12.39 4.79 -13.86
C ALA A 141 13.36 5.64 -13.05
N LYS A 142 14.01 6.68 -13.54
CA LYS A 142 14.94 7.47 -12.76
C LYS A 142 14.48 8.83 -13.14
N VAL A 143 14.28 9.70 -12.16
CA VAL A 143 13.72 11.04 -12.29
C VAL A 143 14.70 11.97 -11.63
N GLN A 144 15.30 12.96 -12.24
CA GLN A 144 16.29 13.80 -11.63
C GLN A 144 15.71 15.18 -11.80
N TRP A 145 15.75 16.03 -10.79
CA TRP A 145 15.37 17.43 -10.88
C TRP A 145 16.60 18.30 -11.11
N LYS A 146 16.42 19.38 -11.85
CA LYS A 146 17.53 20.26 -12.09
C LYS A 146 16.94 21.61 -11.83
N VAL A 147 17.49 22.56 -11.10
CA VAL A 147 16.89 23.87 -10.98
C VAL A 147 17.98 24.78 -11.54
N ASP A 148 17.65 25.59 -12.57
CA ASP A 148 18.59 26.39 -13.36
C ASP A 148 19.74 25.53 -13.84
N ASN A 149 19.25 24.46 -14.41
CA ASN A 149 20.05 23.46 -15.05
C ASN A 149 21.27 23.10 -14.23
N ALA A 150 21.04 22.66 -12.99
CA ALA A 150 21.97 22.20 -11.94
C ALA A 150 21.19 21.12 -11.20
N LEU A 151 21.79 20.03 -10.78
CA LEU A 151 21.03 18.89 -10.28
C LEU A 151 20.58 19.09 -8.86
N GLN A 152 19.48 18.55 -8.41
CA GLN A 152 19.02 18.73 -7.05
C GLN A 152 19.10 17.42 -6.32
N SER A 153 19.49 17.46 -5.04
CA SER A 153 19.61 16.27 -4.22
C SER A 153 19.01 16.62 -2.89
N GLY A 154 18.24 15.62 -2.45
CA GLY A 154 17.71 15.56 -1.11
C GLY A 154 16.40 16.26 -0.84
N ASN A 155 15.78 16.92 -1.79
CA ASN A 155 14.54 17.59 -1.44
C ASN A 155 13.34 17.22 -2.26
N SER A 156 13.38 16.01 -2.85
CA SER A 156 12.24 15.48 -3.58
C SER A 156 11.76 14.19 -2.92
N GLN A 157 10.49 13.77 -3.02
CA GLN A 157 10.12 12.43 -2.59
C GLN A 157 9.34 11.72 -3.67
N GLU A 158 9.43 10.43 -4.02
CA GLU A 158 8.47 9.91 -5.01
C GLU A 158 7.65 8.82 -4.43
N SER A 159 6.48 8.58 -5.01
CA SER A 159 5.52 7.59 -4.63
C SER A 159 5.19 6.84 -5.95
N VAL A 160 5.03 5.51 -6.02
CA VAL A 160 4.76 4.76 -7.22
C VAL A 160 3.46 4.03 -7.02
N THR A 161 2.66 3.79 -8.02
CA THR A 161 1.44 3.09 -7.78
C THR A 161 1.79 1.63 -7.88
N GLU A 162 0.82 0.83 -7.54
CA GLU A 162 0.93 -0.61 -7.65
C GLU A 162 0.44 -0.88 -9.06
N GLN A 163 0.89 -1.98 -9.69
CA GLN A 163 0.60 -2.28 -11.09
C GLN A 163 -0.86 -2.18 -11.51
N ASP A 164 -1.24 -1.34 -12.48
CA ASP A 164 -2.65 -1.21 -12.91
C ASP A 164 -3.32 -2.53 -13.23
N SER A 165 -4.61 -2.66 -12.94
CA SER A 165 -5.32 -3.93 -13.06
C SER A 165 -5.60 -4.39 -14.48
N LYS A 166 -6.12 -3.53 -15.36
CA LYS A 166 -6.32 -3.91 -16.76
C LYS A 166 -5.33 -3.14 -17.65
N ASP A 167 -4.00 -3.39 -17.70
CA ASP A 167 -3.05 -2.54 -18.42
C ASP A 167 -1.64 -2.94 -18.02
N SER A 168 -1.44 -3.16 -16.72
CA SER A 168 -0.20 -3.59 -16.11
C SER A 168 0.95 -2.61 -16.04
N THR A 169 0.62 -1.33 -16.02
CA THR A 169 1.57 -0.26 -15.99
C THR A 169 1.60 0.39 -14.60
N TYR A 170 2.75 1.00 -14.24
CA TYR A 170 2.97 1.76 -13.02
C TYR A 170 2.75 3.23 -13.24
N SER A 171 2.76 4.12 -12.26
CA SER A 171 2.80 5.58 -12.47
C SER A 171 3.56 6.06 -11.27
N LEU A 172 4.30 7.14 -11.43
CA LEU A 172 5.22 7.59 -10.39
C LEU A 172 5.07 9.06 -10.23
N SER A 173 5.08 9.68 -9.06
CA SER A 173 5.06 11.13 -9.04
C SER A 173 6.27 11.44 -8.26
N SER A 174 6.93 12.53 -8.56
CA SER A 174 8.06 12.98 -7.82
C SER A 174 7.73 14.43 -7.44
N THR A 175 7.82 14.86 -6.20
CA THR A 175 7.54 16.25 -5.74
C THR A 175 8.82 16.88 -5.18
N LEU A 176 9.06 18.13 -5.54
CA LEU A 176 10.27 18.85 -5.16
C LEU A 176 9.65 19.87 -4.26
N THR A 177 10.13 19.96 -3.05
CA THR A 177 9.56 21.00 -2.24
C THR A 177 10.69 21.97 -1.90
N LEU A 178 10.30 23.25 -2.10
CA LEU A 178 11.09 24.42 -1.75
C LEU A 178 10.27 25.43 -0.93
N SER A 179 10.96 26.31 -0.23
CA SER A 179 10.33 27.46 0.42
C SER A 179 9.96 28.42 -0.68
N LYS A 180 9.03 29.34 -0.44
CA LYS A 180 8.71 30.30 -1.46
C LYS A 180 9.99 31.08 -1.74
N ALA A 181 10.79 31.44 -0.74
CA ALA A 181 12.02 32.20 -0.99
C ALA A 181 12.91 31.54 -1.99
N ASP A 182 13.17 30.24 -1.78
CA ASP A 182 14.06 29.55 -2.67
C ASP A 182 13.46 29.40 -4.04
N TYR A 183 12.16 29.18 -4.13
CA TYR A 183 11.53 28.97 -5.39
C TYR A 183 11.81 30.20 -6.23
N GLU A 184 11.72 31.34 -5.57
CA GLU A 184 11.76 32.60 -6.30
C GLU A 184 13.12 33.02 -6.71
N LYS A 185 14.16 32.41 -6.22
CA LYS A 185 15.46 32.77 -6.65
C LYS A 185 15.77 32.10 -7.99
N HIS A 186 15.06 31.09 -8.51
CA HIS A 186 15.56 30.37 -9.66
C HIS A 186 14.58 30.47 -10.78
N LYS A 187 14.95 30.19 -12.02
CA LYS A 187 14.01 30.40 -13.09
C LYS A 187 13.59 29.15 -13.82
N VAL A 188 14.43 28.17 -14.07
CA VAL A 188 14.09 27.05 -14.98
C VAL A 188 13.95 25.84 -14.10
N TYR A 189 12.78 25.21 -14.10
CA TYR A 189 12.58 24.03 -13.28
C TYR A 189 12.33 22.96 -14.28
N ALA A 190 13.07 21.87 -14.19
CA ALA A 190 13.04 20.78 -15.15
C ALA A 190 13.07 19.42 -14.47
N CYS A 191 12.37 18.47 -15.07
CA CYS A 191 12.18 17.13 -14.57
C CYS A 191 12.85 16.34 -15.63
N GLU A 192 13.95 15.59 -15.39
CA GLU A 192 14.60 14.72 -16.38
C GLU A 192 14.28 13.28 -16.04
N VAL A 193 13.73 12.52 -16.99
CA VAL A 193 13.30 11.13 -16.82
C VAL A 193 14.14 10.11 -17.60
N THR A 194 14.81 9.08 -17.04
CA THR A 194 15.47 8.00 -17.80
C THR A 194 14.63 6.73 -17.58
N HIS A 195 14.41 5.90 -18.60
CA HIS A 195 13.60 4.71 -18.50
C HIS A 195 13.85 3.87 -19.72
N GLN A 196 14.04 2.57 -19.66
CA GLN A 196 14.12 1.61 -20.77
C GLN A 196 13.44 1.85 -22.13
N GLY A 197 12.25 2.46 -22.10
CA GLY A 197 11.45 2.49 -23.28
C GLY A 197 11.67 3.81 -23.98
N LEU A 198 12.74 4.52 -23.59
CA LEU A 198 13.07 5.89 -23.99
C LEU A 198 14.44 5.84 -24.67
N SER A 199 14.64 6.26 -25.94
CA SER A 199 15.97 6.21 -26.54
C SER A 199 16.84 7.31 -25.99
N SER A 200 16.25 8.44 -25.57
CA SER A 200 16.99 9.47 -24.88
C SER A 200 16.10 9.99 -23.77
N PRO A 201 16.61 10.50 -22.65
CA PRO A 201 15.83 11.00 -21.52
C PRO A 201 15.09 12.25 -21.85
N VAL A 202 13.83 12.22 -21.46
CA VAL A 202 12.86 13.26 -21.69
C VAL A 202 13.09 14.30 -20.62
N THR A 203 12.94 15.58 -20.87
CA THR A 203 13.09 16.61 -19.88
C THR A 203 11.86 17.38 -20.05
N LYS A 204 11.29 17.90 -19.01
CA LYS A 204 10.04 18.61 -19.13
C LYS A 204 10.34 19.75 -18.22
N SER A 205 10.03 20.99 -18.62
CA SER A 205 10.43 22.18 -17.88
C SER A 205 9.41 23.27 -17.99
N PHE A 206 9.47 24.23 -17.10
CA PHE A 206 8.59 25.39 -17.14
C PHE A 206 9.55 26.43 -16.60
N ASN A 207 9.31 27.74 -16.84
CA ASN A 207 10.19 28.79 -16.29
C ASN A 207 9.35 29.58 -15.33
N ARG A 208 9.88 29.86 -14.14
CA ARG A 208 9.08 30.46 -13.10
C ARG A 208 8.32 31.67 -13.47
N GLY A 209 8.84 32.58 -14.23
CA GLY A 209 7.99 33.71 -14.55
C GLY A 209 6.83 33.26 -15.44
N GLU A 210 7.23 32.83 -16.65
CA GLU A 210 6.37 32.46 -17.77
C GLU A 210 5.26 31.49 -17.41
N GLN B 1 -18.24 -14.26 10.01
CA GLN B 1 -17.92 -12.84 9.87
C GLN B 1 -17.11 -12.53 11.12
N LEU B 2 -16.04 -11.76 10.99
CA LEU B 2 -15.18 -11.46 12.11
C LEU B 2 -15.06 -9.97 11.94
N GLN B 3 -15.80 -9.14 12.60
CA GLN B 3 -15.72 -7.72 12.41
C GLN B 3 -14.74 -7.03 13.35
N GLN B 4 -13.52 -6.71 12.93
CA GLN B 4 -12.55 -6.03 13.78
C GLN B 4 -12.78 -4.58 14.09
N SER B 5 -11.94 -3.91 14.89
CA SER B 5 -12.18 -2.52 15.25
C SER B 5 -11.49 -1.47 14.37
N GLY B 6 -11.86 -0.21 14.64
CA GLY B 6 -11.47 0.96 13.87
C GLY B 6 -10.03 1.38 14.03
N THR B 7 -9.58 2.31 13.18
CA THR B 7 -8.22 2.77 13.19
C THR B 7 -7.98 3.46 14.50
N VAL B 8 -6.82 3.12 14.99
CA VAL B 8 -6.46 3.43 16.34
C VAL B 8 -5.16 4.22 16.21
N LEU B 9 -5.12 5.45 16.80
CA LEU B 9 -3.92 6.31 16.84
C LEU B 9 -3.44 6.38 18.28
N ALA B 10 -2.14 6.43 18.53
CA ALA B 10 -1.61 6.34 19.85
C ALA B 10 -0.18 6.88 19.99
N ARG B 11 0.20 7.42 21.15
CA ARG B 11 1.49 8.06 21.39
C ARG B 11 2.45 7.04 21.97
N PRO B 12 3.73 7.16 21.81
CA PRO B 12 4.70 6.20 22.32
C PRO B 12 4.47 6.00 23.81
N GLY B 13 4.87 4.95 24.51
CA GLY B 13 4.53 4.79 25.93
C GLY B 13 3.08 4.35 26.20
N ALA B 14 2.08 4.82 25.45
CA ALA B 14 0.68 4.43 25.67
C ALA B 14 0.34 2.95 25.48
N SER B 15 -0.97 2.63 25.55
CA SER B 15 -1.53 1.30 25.35
C SER B 15 -2.83 1.44 24.55
N VAL B 16 -3.32 0.30 24.05
CA VAL B 16 -4.50 0.33 23.22
C VAL B 16 -5.20 -1.00 23.38
N LYS B 17 -6.52 -1.09 23.19
CA LYS B 17 -7.23 -2.34 23.29
C LYS B 17 -8.07 -2.31 22.04
N MET B 18 -8.00 -3.34 21.21
CA MET B 18 -8.75 -3.43 19.99
C MET B 18 -9.68 -4.65 19.83
N SER B 19 -10.99 -4.62 19.59
CA SER B 19 -11.76 -5.86 19.57
C SER B 19 -11.73 -6.58 18.26
N CYS B 20 -12.20 -7.83 18.26
CA CYS B 20 -12.44 -8.69 17.11
C CYS B 20 -13.73 -9.41 17.51
N LYS B 21 -14.92 -9.05 16.95
CA LYS B 21 -16.25 -9.56 17.27
C LYS B 21 -16.60 -10.70 16.33
N ALA B 22 -17.13 -11.82 16.78
CA ALA B 22 -17.34 -12.95 15.88
C ALA B 22 -18.83 -13.18 15.71
N SER B 23 -19.19 -13.69 14.55
CA SER B 23 -20.57 -13.96 14.22
C SER B 23 -20.60 -15.26 13.44
N GLY B 24 -21.72 -15.97 13.54
CA GLY B 24 -21.95 -17.19 12.79
C GLY B 24 -21.69 -18.42 13.61
N TYR B 25 -20.43 -18.84 13.56
CA TYR B 25 -19.98 -20.04 14.25
C TYR B 25 -20.06 -19.91 15.78
N SER B 26 -19.75 -21.01 16.51
CA SER B 26 -19.77 -21.06 17.97
C SER B 26 -18.41 -20.69 18.55
N PHE B 27 -18.36 -19.43 18.97
CA PHE B 27 -17.16 -18.79 19.49
C PHE B 27 -16.21 -19.58 20.37
N THR B 28 -16.71 -20.51 21.17
CA THR B 28 -15.92 -21.23 22.16
C THR B 28 -15.18 -22.42 21.63
N ARG B 29 -15.56 -22.88 20.45
CA ARG B 29 -14.96 -24.10 19.95
C ARG B 29 -13.70 -23.91 19.15
N TYR B 30 -13.37 -22.68 18.83
CA TYR B 30 -12.28 -22.33 17.94
C TYR B 30 -11.26 -21.37 18.53
N TRP B 31 -9.94 -21.67 18.47
CA TRP B 31 -8.93 -20.70 18.92
C TRP B 31 -8.95 -19.44 18.07
N MET B 32 -8.77 -18.26 18.61
CA MET B 32 -8.81 -17.05 17.83
C MET B 32 -7.36 -16.62 17.77
N HIS B 33 -6.82 -16.36 16.58
CA HIS B 33 -5.42 -15.97 16.42
C HIS B 33 -5.22 -14.47 16.13
N TRP B 34 -4.05 -13.88 16.41
CA TRP B 34 -3.81 -12.47 16.18
C TRP B 34 -2.47 -12.38 15.51
N ILE B 35 -2.47 -11.86 14.27
CA ILE B 35 -1.27 -11.78 13.42
C ILE B 35 -1.00 -10.30 13.16
N LYS B 36 0.26 -9.86 13.11
CA LYS B 36 0.67 -8.47 12.96
C LYS B 36 1.22 -8.35 11.55
N GLN B 37 0.98 -7.29 10.80
CA GLN B 37 1.56 -7.13 9.45
C GLN B 37 2.06 -5.70 9.39
N ARG B 38 3.32 -5.50 9.07
CA ARG B 38 3.92 -4.21 9.12
C ARG B 38 4.50 -3.94 7.75
N PRO B 39 4.20 -2.87 6.98
CA PRO B 39 4.65 -2.64 5.58
C PRO B 39 6.13 -2.87 5.34
N GLY B 40 6.50 -3.81 4.44
CA GLY B 40 7.91 -4.08 4.18
C GLY B 40 8.41 -5.29 4.98
N GLN B 41 7.45 -5.86 5.70
CA GLN B 41 7.67 -7.09 6.43
C GLN B 41 6.44 -8.00 6.16
N GLY B 42 6.66 -9.28 6.46
CA GLY B 42 5.61 -10.27 6.29
C GLY B 42 4.62 -10.21 7.44
N LEU B 43 4.02 -11.39 7.71
CA LEU B 43 3.01 -11.53 8.73
C LEU B 43 3.72 -12.09 9.97
N GLU B 44 3.52 -11.60 11.19
CA GLU B 44 4.19 -12.07 12.40
C GLU B 44 3.07 -12.61 13.28
N TRP B 45 3.24 -13.77 13.87
CA TRP B 45 2.22 -14.34 14.74
C TRP B 45 2.37 -13.74 16.14
N ILE B 46 1.35 -13.16 16.77
CA ILE B 46 1.43 -12.61 18.12
C ILE B 46 1.01 -13.72 19.08
N GLY B 47 -0.25 -14.13 19.06
CA GLY B 47 -0.68 -15.27 19.83
C GLY B 47 -2.11 -15.71 19.56
N ALA B 48 -2.66 -16.59 20.40
CA ALA B 48 -4.02 -17.09 20.25
C ALA B 48 -4.63 -17.35 21.60
N ILE B 49 -5.97 -17.37 21.60
CA ILE B 49 -6.74 -17.64 22.81
C ILE B 49 -7.76 -18.72 22.53
N TYR B 50 -8.08 -19.62 23.47
CA TYR B 50 -9.15 -20.59 23.25
C TYR B 50 -10.23 -19.96 24.05
N PRO B 51 -11.25 -19.25 23.58
CA PRO B 51 -12.27 -18.64 24.42
C PRO B 51 -13.11 -19.62 25.28
N GLY B 52 -13.14 -20.93 24.97
CA GLY B 52 -13.88 -21.89 25.76
C GLY B 52 -13.26 -22.10 27.13
N ASN B 53 -11.97 -21.78 27.27
CA ASN B 53 -11.20 -22.08 28.47
C ASN B 53 -10.27 -20.97 28.87
N SER B 54 -10.16 -19.95 28.01
CA SER B 54 -9.19 -18.89 28.10
C SER B 54 -7.75 -19.33 28.21
N ASP B 55 -7.33 -20.55 27.84
CA ASP B 55 -5.89 -20.77 27.78
C ASP B 55 -5.35 -20.08 26.51
N THR B 56 -4.12 -19.59 26.57
CA THR B 56 -3.52 -18.79 25.54
C THR B 56 -2.10 -19.27 25.18
N SER B 57 -1.63 -19.02 23.95
CA SER B 57 -0.31 -19.37 23.47
C SER B 57 0.18 -17.99 22.98
N TYR B 58 1.36 -17.51 23.36
CA TYR B 58 1.90 -16.24 22.93
C TYR B 58 3.21 -16.55 22.26
N ASN B 59 3.59 -15.71 21.31
CA ASN B 59 4.88 -15.82 20.69
C ASN B 59 5.83 -15.31 21.76
N GLN B 60 7.10 -15.71 21.92
CA GLN B 60 7.89 -15.12 23.00
C GLN B 60 8.00 -13.63 22.81
N LYS B 61 8.25 -13.14 21.59
CA LYS B 61 8.47 -11.71 21.35
C LYS B 61 7.42 -10.78 21.91
N PHE B 62 6.20 -11.26 22.21
CA PHE B 62 5.16 -10.37 22.64
C PHE B 62 4.70 -10.61 24.04
N GLU B 63 5.43 -11.39 24.80
CA GLU B 63 4.93 -11.78 26.10
C GLU B 63 4.66 -10.68 27.05
N GLY B 64 5.61 -9.80 27.33
CA GLY B 64 5.26 -8.74 28.27
C GLY B 64 4.27 -7.70 27.75
N LYS B 65 4.18 -7.64 26.42
CA LYS B 65 3.49 -6.64 25.62
C LYS B 65 2.02 -6.83 25.25
N ALA B 66 1.63 -8.01 24.76
CA ALA B 66 0.24 -8.23 24.36
C ALA B 66 -0.50 -9.09 25.38
N LYS B 67 -1.83 -8.94 25.49
CA LYS B 67 -2.55 -9.73 26.43
C LYS B 67 -3.84 -10.02 25.78
N LEU B 68 -4.18 -11.29 25.75
CA LEU B 68 -5.35 -11.70 25.03
C LEU B 68 -6.53 -12.13 25.92
N THR B 69 -7.67 -11.48 25.89
CA THR B 69 -8.79 -11.86 26.70
C THR B 69 -9.92 -12.18 25.75
N ALA B 70 -11.00 -12.77 26.25
CA ALA B 70 -12.18 -13.10 25.48
C ALA B 70 -13.44 -13.08 26.33
N VAL B 71 -14.30 -12.05 26.18
CA VAL B 71 -15.59 -11.97 26.85
C VAL B 71 -16.57 -12.80 26.01
N THR B 72 -16.52 -14.01 26.49
CA THR B 72 -17.31 -15.13 26.02
C THR B 72 -18.75 -14.88 25.74
N SER B 73 -19.58 -14.33 26.60
CA SER B 73 -20.98 -14.11 26.27
C SER B 73 -21.21 -13.10 25.14
N ALA B 74 -20.19 -12.29 24.86
CA ALA B 74 -20.30 -11.25 23.85
C ALA B 74 -19.60 -11.59 22.54
N SER B 75 -19.01 -12.78 22.40
CA SER B 75 -18.29 -13.22 21.20
C SER B 75 -17.23 -12.25 20.70
N THR B 76 -16.50 -11.61 21.59
CA THR B 76 -15.51 -10.63 21.20
C THR B 76 -14.18 -11.02 21.81
N ALA B 77 -13.16 -11.30 21.01
CA ALA B 77 -11.85 -11.55 21.57
C ALA B 77 -11.25 -10.15 21.62
N TYR B 78 -10.30 -9.83 22.47
CA TYR B 78 -9.65 -8.52 22.58
C TYR B 78 -8.13 -8.82 22.59
N MET B 79 -7.29 -7.79 22.60
CA MET B 79 -5.85 -7.85 22.69
C MET B 79 -5.32 -6.52 23.18
N GLU B 80 -4.78 -6.22 24.37
CA GLU B 80 -4.23 -4.87 24.51
C GLU B 80 -2.74 -4.95 24.27
N LEU B 81 -2.13 -3.88 23.78
CA LEU B 81 -0.69 -3.87 23.60
C LEU B 81 -0.27 -2.71 24.48
N SER B 82 0.90 -2.83 25.09
CA SER B 82 1.35 -1.97 26.13
C SER B 82 2.68 -1.41 25.79
N SER B 83 3.00 -0.17 26.20
CA SER B 83 4.27 0.45 25.91
C SER B 83 4.54 0.54 24.40
N LEU B 84 3.58 1.14 23.71
CA LEU B 84 3.67 1.21 22.28
C LEU B 84 4.86 2.07 21.91
N THR B 85 5.66 1.51 21.02
CA THR B 85 6.85 2.10 20.49
C THR B 85 6.60 2.34 19.02
N HIS B 86 7.53 2.91 18.25
CA HIS B 86 7.22 3.20 16.84
C HIS B 86 7.00 1.93 16.03
N GLU B 87 7.75 0.88 16.33
CA GLU B 87 7.60 -0.40 15.67
C GLU B 87 6.29 -1.16 15.91
N ASP B 88 5.30 -0.66 16.64
CA ASP B 88 4.05 -1.37 16.69
C ASP B 88 3.12 -0.72 15.67
N SER B 89 3.52 0.27 14.89
CA SER B 89 2.62 0.84 13.88
C SER B 89 2.47 -0.32 12.90
N ALA B 90 1.29 -0.79 12.59
CA ALA B 90 1.12 -1.97 11.76
C ALA B 90 -0.36 -2.26 11.66
N VAL B 91 -0.70 -3.36 10.99
CA VAL B 91 -2.08 -3.76 10.73
C VAL B 91 -2.17 -5.05 11.49
N TYR B 92 -3.21 -5.24 12.29
CA TYR B 92 -3.35 -6.39 13.17
C TYR B 92 -4.56 -7.19 12.75
N TYR B 93 -4.43 -8.49 12.46
CA TYR B 93 -5.60 -9.24 12.00
C TYR B 93 -5.96 -10.23 13.03
N CYS B 94 -7.24 -10.49 13.29
CA CYS B 94 -7.55 -11.71 14.03
C CYS B 94 -8.04 -12.74 13.02
N SER B 95 -7.71 -14.01 13.16
CA SER B 95 -8.27 -15.00 12.28
C SER B 95 -8.58 -16.23 13.09
N ARG B 96 -9.64 -16.86 12.66
CA ARG B 96 -10.13 -18.07 13.26
C ARG B 96 -9.32 -19.31 12.98
N ASP B 97 -8.99 -20.17 13.93
CA ASP B 97 -8.19 -21.33 13.59
C ASP B 97 -9.16 -22.49 13.42
N TYR B 98 -9.33 -22.96 12.20
CA TYR B 98 -10.32 -24.01 11.98
C TYR B 98 -9.74 -25.33 12.42
N GLY B 99 -8.43 -25.45 12.47
CA GLY B 99 -7.83 -26.70 12.81
C GLY B 99 -6.56 -26.69 12.03
N TYR B 100 -6.51 -27.13 10.77
CA TYR B 100 -5.24 -27.04 10.07
C TYR B 100 -5.10 -25.82 9.12
N TYR B 101 -5.97 -24.82 9.20
CA TYR B 101 -5.71 -23.61 8.50
C TYR B 101 -6.52 -22.51 9.11
N PHE B 102 -6.03 -21.27 8.96
CA PHE B 102 -6.77 -20.10 9.40
C PHE B 102 -7.81 -19.98 8.31
N ASP B 103 -9.10 -19.96 8.55
CA ASP B 103 -9.99 -19.92 7.41
C ASP B 103 -10.62 -18.57 7.32
N PHE B 104 -11.14 -17.93 8.37
CA PHE B 104 -11.60 -16.57 8.24
C PHE B 104 -10.61 -15.69 8.94
N TRP B 105 -10.67 -14.41 8.57
CA TRP B 105 -9.74 -13.37 9.00
C TRP B 105 -10.56 -12.09 9.11
N GLY B 106 -10.35 -11.15 10.03
CA GLY B 106 -11.08 -9.90 10.07
C GLY B 106 -10.32 -8.92 9.17
N GLN B 107 -10.94 -7.83 8.80
CA GLN B 107 -10.33 -6.91 7.87
C GLN B 107 -9.05 -6.16 8.26
N GLY B 108 -8.62 -6.19 9.52
CA GLY B 108 -7.46 -5.45 9.97
C GLY B 108 -7.83 -4.26 10.83
N THR B 109 -6.99 -3.91 11.81
CA THR B 109 -7.12 -2.68 12.54
C THR B 109 -5.77 -2.04 12.40
N THR B 110 -5.65 -0.77 12.03
CA THR B 110 -4.35 -0.13 11.82
C THR B 110 -4.03 0.65 13.06
N LEU B 111 -2.84 0.45 13.59
CA LEU B 111 -2.50 1.24 14.73
C LEU B 111 -1.35 2.10 14.25
N THR B 112 -1.46 3.40 14.55
CA THR B 112 -0.37 4.35 14.33
C THR B 112 0.14 4.88 15.66
N VAL B 113 1.41 4.71 15.86
CA VAL B 113 2.01 5.14 17.10
C VAL B 113 2.79 6.40 16.77
N SER B 114 2.52 7.60 17.28
CA SER B 114 3.37 8.74 17.04
C SER B 114 3.08 9.86 17.99
N SER B 115 4.14 10.63 18.14
CA SER B 115 4.07 11.80 18.98
C SER B 115 3.25 12.91 18.31
N ALA B 116 3.00 12.80 16.99
CA ALA B 116 2.43 13.86 16.18
C ALA B 116 0.96 14.13 16.35
N SER B 117 0.57 15.36 16.04
CA SER B 117 -0.78 15.85 16.26
C SER B 117 -1.62 15.96 14.99
N THR B 118 -2.90 15.80 15.17
CA THR B 118 -3.82 15.79 14.08
C THR B 118 -3.75 17.03 13.29
N LYS B 119 -3.65 16.93 11.97
CA LYS B 119 -3.61 18.13 11.15
C LYS B 119 -4.40 17.78 9.90
N GLY B 120 -5.44 18.58 9.62
CA GLY B 120 -6.28 18.43 8.42
C GLY B 120 -5.50 18.79 7.16
N PRO B 121 -5.79 18.43 5.91
CA PRO B 121 -4.94 18.76 4.78
C PRO B 121 -5.20 20.08 4.09
N SER B 122 -4.12 20.65 3.53
CA SER B 122 -4.30 21.77 2.64
C SER B 122 -4.41 21.13 1.25
N VAL B 123 -5.42 21.50 0.46
CA VAL B 123 -5.57 20.99 -0.86
C VAL B 123 -5.20 22.04 -1.92
N PHE B 124 -4.33 21.69 -2.85
CA PHE B 124 -3.86 22.61 -3.86
C PHE B 124 -4.14 22.09 -5.26
N PRO B 125 -4.64 22.85 -6.22
CA PRO B 125 -4.94 22.40 -7.57
C PRO B 125 -3.68 22.10 -8.34
N LEU B 126 -3.48 20.97 -9.03
CA LEU B 126 -2.31 20.78 -9.90
C LEU B 126 -2.92 20.95 -11.29
N ALA B 127 -3.05 22.21 -11.68
CA ALA B 127 -3.76 22.62 -12.88
C ALA B 127 -3.26 22.03 -14.18
N PRO B 128 -4.17 21.81 -15.14
CA PRO B 128 -3.88 21.21 -16.43
C PRO B 128 -2.76 22.01 -17.05
N SER B 129 -1.66 21.34 -16.83
CA SER B 129 -0.38 21.73 -17.38
C SER B 129 -0.04 20.56 -18.34
N SER B 130 1.23 20.54 -18.81
CA SER B 130 1.80 19.63 -19.82
C SER B 130 0.88 18.78 -20.73
N LYS B 131 1.08 18.98 -22.06
CA LYS B 131 0.30 18.40 -23.18
C LYS B 131 -1.12 18.90 -23.33
N SER B 132 -1.61 19.64 -22.31
CA SER B 132 -2.88 20.31 -22.27
C SER B 132 -3.44 20.69 -23.65
N THR B 133 -2.58 21.23 -24.52
CA THR B 133 -2.96 21.55 -25.88
C THR B 133 -2.39 20.46 -26.80
N SER B 134 -1.10 20.66 -27.09
CA SER B 134 -0.34 19.81 -27.96
C SER B 134 -0.05 18.52 -27.21
N GLY B 135 -1.01 17.62 -27.33
CA GLY B 135 -0.88 16.31 -26.73
C GLY B 135 -2.10 15.49 -27.03
N GLY B 136 -3.29 16.05 -26.81
CA GLY B 136 -4.51 15.27 -27.00
C GLY B 136 -5.03 14.70 -25.67
N THR B 137 -4.12 14.52 -24.73
CA THR B 137 -4.37 14.06 -23.37
C THR B 137 -3.78 15.16 -22.47
N ALA B 138 -4.48 15.51 -21.42
CA ALA B 138 -4.04 16.52 -20.50
C ALA B 138 -4.11 15.84 -19.14
N ALA B 139 -3.32 16.27 -18.15
CA ALA B 139 -3.38 15.68 -16.82
C ALA B 139 -3.66 16.84 -15.89
N LEU B 140 -4.49 16.57 -14.89
CA LEU B 140 -4.89 17.56 -13.87
C LEU B 140 -4.78 16.84 -12.54
N GLY B 141 -4.86 17.45 -11.37
CA GLY B 141 -4.84 16.70 -10.13
C GLY B 141 -5.06 17.68 -8.98
N CYS B 142 -4.98 17.11 -7.76
CA CYS B 142 -5.05 17.85 -6.47
C CYS B 142 -3.84 17.43 -5.68
N LEU B 143 -3.17 18.29 -4.94
CA LEU B 143 -2.06 17.91 -4.09
C LEU B 143 -2.66 18.00 -2.69
N VAL B 144 -2.73 16.90 -1.91
CA VAL B 144 -3.31 16.89 -0.58
C VAL B 144 -2.11 16.88 0.31
N LYS B 145 -1.82 18.05 0.92
CA LYS B 145 -0.55 18.16 1.61
C LYS B 145 -0.69 18.39 3.13
N ASP B 146 0.33 17.97 3.91
CA ASP B 146 0.49 18.12 5.35
C ASP B 146 -0.68 17.70 6.20
N TYR B 147 -0.99 16.43 6.21
CA TYR B 147 -2.06 15.94 7.07
C TYR B 147 -1.50 14.80 7.90
N PHE B 148 -2.20 14.54 8.99
CA PHE B 148 -1.84 13.45 9.90
C PHE B 148 -3.12 13.19 10.63
N PRO B 149 -3.58 11.98 10.92
CA PRO B 149 -2.99 10.73 10.50
C PRO B 149 -3.58 10.30 9.14
N GLU B 150 -3.15 9.15 8.67
CA GLU B 150 -3.76 8.53 7.52
C GLU B 150 -5.10 8.01 8.01
N PRO B 151 -6.17 7.82 7.23
CA PRO B 151 -6.27 8.06 5.80
C PRO B 151 -7.05 9.28 5.36
N VAL B 152 -6.89 9.62 4.09
CA VAL B 152 -7.59 10.73 3.48
C VAL B 152 -8.35 10.03 2.38
N THR B 153 -9.42 10.58 1.89
CA THR B 153 -10.18 9.97 0.80
C THR B 153 -10.35 11.03 -0.29
N VAL B 154 -9.81 10.77 -1.47
CA VAL B 154 -9.86 11.73 -2.57
C VAL B 154 -10.76 11.11 -3.58
N SER B 155 -11.67 11.88 -4.11
CA SER B 155 -12.42 11.37 -5.22
C SER B 155 -12.70 12.53 -6.17
N TRP B 156 -13.09 12.23 -7.41
CA TRP B 156 -13.28 13.24 -8.43
C TRP B 156 -14.72 13.27 -8.77
N ASN B 157 -15.20 14.50 -8.87
CA ASN B 157 -16.58 14.80 -9.26
C ASN B 157 -17.66 13.95 -8.57
N SER B 158 -17.41 13.85 -7.29
CA SER B 158 -18.28 13.16 -6.36
C SER B 158 -18.51 11.73 -6.74
N GLY B 159 -17.52 11.16 -7.42
CA GLY B 159 -17.57 9.77 -7.80
C GLY B 159 -17.98 9.59 -9.23
N ALA B 160 -18.49 10.64 -9.87
CA ALA B 160 -18.86 10.53 -11.27
C ALA B 160 -17.63 10.30 -12.16
N LEU B 161 -16.35 10.48 -11.75
CA LEU B 161 -15.20 10.25 -12.63
C LEU B 161 -14.27 9.18 -12.08
N THR B 162 -14.13 8.06 -12.79
CA THR B 162 -13.24 6.99 -12.32
C THR B 162 -12.09 6.76 -13.28
N SER B 163 -12.43 6.80 -14.56
CA SER B 163 -11.44 6.47 -15.54
C SER B 163 -10.30 7.45 -15.60
N GLY B 164 -9.15 6.83 -15.29
CA GLY B 164 -7.87 7.46 -15.48
C GLY B 164 -7.27 8.00 -14.21
N VAL B 165 -8.02 7.91 -13.12
CA VAL B 165 -7.64 8.43 -11.82
C VAL B 165 -6.47 7.66 -11.23
N HIS B 166 -5.40 8.27 -10.76
CA HIS B 166 -4.30 7.59 -10.11
C HIS B 166 -4.10 8.39 -8.81
N THR B 167 -4.53 7.86 -7.68
CA THR B 167 -4.31 8.47 -6.38
C THR B 167 -3.04 7.77 -5.87
N PHE B 168 -1.98 8.46 -5.47
CA PHE B 168 -0.74 7.76 -5.17
C PHE B 168 -0.66 7.47 -3.67
N PRO B 169 0.12 6.51 -3.23
CA PRO B 169 0.32 6.20 -1.84
C PRO B 169 0.76 7.47 -1.12
N ALA B 170 0.36 7.76 0.13
CA ALA B 170 0.80 8.93 0.88
C ALA B 170 2.25 8.75 1.16
N VAL B 171 3.04 9.80 1.28
CA VAL B 171 4.44 9.63 1.59
C VAL B 171 4.49 10.46 2.87
N LEU B 172 5.47 10.13 3.71
CA LEU B 172 5.60 10.78 4.98
C LEU B 172 6.84 11.61 4.91
N GLN B 173 6.57 12.91 5.10
CA GLN B 173 7.61 13.89 4.97
C GLN B 173 8.48 13.97 6.21
N SER B 174 9.64 14.61 6.20
CA SER B 174 10.41 14.82 7.43
C SER B 174 9.61 15.31 8.64
N SER B 175 8.61 16.18 8.44
CA SER B 175 7.86 16.72 9.54
C SER B 175 6.94 15.71 10.22
N GLY B 176 6.88 14.50 9.69
CA GLY B 176 6.01 13.51 10.26
C GLY B 176 4.59 13.82 9.88
N LEU B 177 4.38 14.62 8.81
CA LEU B 177 3.09 14.91 8.19
C LEU B 177 3.14 14.29 6.80
N TYR B 178 2.07 13.64 6.37
CA TYR B 178 1.94 12.96 5.07
C TYR B 178 1.54 13.88 3.90
N SER B 179 1.70 13.51 2.64
CA SER B 179 1.07 14.26 1.53
C SER B 179 0.84 13.23 0.46
N LEU B 180 -0.22 13.44 -0.36
CA LEU B 180 -0.49 12.63 -1.53
C LEU B 180 -0.97 13.46 -2.72
N SER B 181 -1.07 12.90 -3.93
CA SER B 181 -1.59 13.51 -5.13
C SER B 181 -2.61 12.57 -5.74
N SER B 182 -3.69 13.10 -6.30
CA SER B 182 -4.68 12.34 -7.04
C SER B 182 -4.54 13.07 -8.36
N VAL B 183 -4.36 12.36 -9.45
CA VAL B 183 -4.11 12.94 -10.75
C VAL B 183 -5.12 12.19 -11.62
N VAL B 184 -5.73 12.85 -12.59
CA VAL B 184 -6.62 12.25 -13.55
C VAL B 184 -6.12 12.76 -14.91
N THR B 185 -6.29 11.87 -15.87
CA THR B 185 -5.87 12.04 -17.25
C THR B 185 -7.15 12.30 -18.03
N VAL B 186 -7.34 13.42 -18.71
CA VAL B 186 -8.54 13.61 -19.54
C VAL B 186 -8.17 14.01 -20.98
N PRO B 187 -9.07 13.88 -21.96
CA PRO B 187 -8.81 14.31 -23.33
C PRO B 187 -8.80 15.83 -23.32
N SER B 188 -7.74 16.40 -23.84
CA SER B 188 -7.54 17.83 -23.98
C SER B 188 -8.76 18.62 -24.33
N SER B 189 -9.57 18.14 -25.24
CA SER B 189 -10.79 18.82 -25.61
C SER B 189 -11.76 19.08 -24.45
N SER B 190 -11.90 18.14 -23.52
CA SER B 190 -12.87 18.25 -22.45
C SER B 190 -12.61 19.45 -21.57
N LEU B 191 -11.36 19.90 -21.48
CA LEU B 191 -11.00 21.04 -20.70
C LEU B 191 -11.87 22.24 -20.92
N GLY B 192 -12.42 22.54 -22.11
CA GLY B 192 -13.25 23.72 -22.25
C GLY B 192 -14.67 23.53 -21.74
N THR B 193 -15.13 22.29 -21.67
CA THR B 193 -16.53 22.02 -21.38
C THR B 193 -16.79 21.40 -20.02
N GLN B 194 -15.84 20.71 -19.42
CA GLN B 194 -16.08 20.15 -18.11
C GLN B 194 -15.34 20.93 -17.07
N THR B 195 -15.77 20.66 -15.84
CA THR B 195 -15.19 21.30 -14.68
C THR B 195 -14.74 20.10 -13.88
N TYR B 196 -13.51 20.15 -13.37
CA TYR B 196 -12.97 19.03 -12.68
C TYR B 196 -12.84 19.43 -11.25
N ILE B 197 -13.48 18.74 -10.32
CA ILE B 197 -13.41 19.07 -8.90
C ILE B 197 -12.86 17.85 -8.20
N CYS B 198 -11.90 17.97 -7.29
CA CYS B 198 -11.56 16.80 -6.52
C CYS B 198 -12.12 17.06 -5.14
N ASN B 199 -12.45 15.98 -4.43
CA ASN B 199 -13.14 16.00 -3.17
C ASN B 199 -12.27 15.29 -2.18
N VAL B 200 -11.83 16.01 -1.18
CA VAL B 200 -10.94 15.42 -0.21
C VAL B 200 -11.64 15.40 1.12
N ASN B 201 -11.64 14.23 1.75
CA ASN B 201 -12.16 14.10 3.09
C ASN B 201 -11.20 13.38 4.02
N HIS B 202 -10.83 14.08 5.07
CA HIS B 202 -9.94 13.54 6.07
C HIS B 202 -10.86 13.52 7.26
N LYS B 203 -11.28 12.36 7.75
CA LYS B 203 -12.16 12.32 8.90
C LYS B 203 -11.47 12.67 10.21
N PRO B 204 -10.31 12.20 10.66
CA PRO B 204 -9.72 12.63 11.92
C PRO B 204 -9.30 14.09 11.90
N SER B 205 -10.24 15.01 11.81
CA SER B 205 -10.02 16.45 11.72
C SER B 205 -11.36 16.95 11.25
N ASN B 206 -12.14 16.12 10.54
CA ASN B 206 -13.45 16.50 10.07
C ASN B 206 -13.22 17.67 9.09
N THR B 207 -12.43 17.31 8.05
CA THR B 207 -12.05 18.18 6.93
C THR B 207 -12.64 17.61 5.66
N LYS B 208 -13.41 18.41 4.95
CA LYS B 208 -14.06 18.00 3.72
C LYS B 208 -13.90 19.28 2.91
N VAL B 209 -13.20 19.20 1.78
CA VAL B 209 -12.96 20.32 0.90
C VAL B 209 -13.12 19.82 -0.52
N ASP B 210 -13.55 20.69 -1.40
CA ASP B 210 -13.79 20.40 -2.78
C ASP B 210 -12.89 21.39 -3.50
N LYS B 211 -12.19 21.13 -4.61
CA LYS B 211 -11.39 22.16 -5.26
C LYS B 211 -11.71 22.20 -6.76
N ARG B 212 -12.16 23.26 -7.47
CA ARG B 212 -12.23 23.19 -8.94
C ARG B 212 -10.78 23.17 -9.46
N VAL B 213 -10.40 22.40 -10.48
CA VAL B 213 -9.07 22.48 -11.04
C VAL B 213 -9.30 22.99 -12.46
N GLU B 214 -9.20 24.30 -12.63
CA GLU B 214 -9.41 24.93 -13.93
C GLU B 214 -8.03 25.19 -14.53
N PRO B 215 -7.83 25.04 -15.83
CA PRO B 215 -6.53 25.27 -16.50
C PRO B 215 -5.89 26.63 -16.41
#